data_3O1G
#
_entry.id   3O1G
#
_cell.length_a   62.504
_cell.length_b   62.504
_cell.length_c   113.478
_cell.angle_alpha   90.00
_cell.angle_beta   90.00
_cell.angle_gamma   90.00
#
_symmetry.space_group_name_H-M   'P 43 21 2'
#
loop_
_entity.id
_entity.type
_entity.pdbx_description
1 polymer 'Cathepsin K'
2 non-polymer 'SULFATE ION'
3 non-polymer N-benzyl-3-(2-cyano-6-propylpyrimidin-4-yl)-N-[2-(dimethylamino)ethyl]-5-(trifluoromethyl)benzamide
4 water water
#
_entity_poly.entity_id   1
_entity_poly.type   'polypeptide(L)'
_entity_poly.pdbx_seq_one_letter_code
;APDSVDYRKKGYVTPVKNQGQCGSCWAFSSVGALEGQLKKKTGKLLNLSPQNLVDCVSENDGCGGGYMTNAFQYVQKNRG
IDSEDAYPYVGQEESCMYNPTGKAAKCRGYREIPEGNEKALKRAVARVGPVSVAIDASLTSFQFYSKGVYYDESCNSDNL
NHAVLAVGYGIQKGNKHWIIKNSWGENWGNKGYILMARNKNNACGIANLASFPKM
;
_entity_poly.pdbx_strand_id   A
#
# COMPACT_ATOMS: atom_id res chain seq x y z
N ALA A 1 9.80 3.12 19.44
CA ALA A 1 8.61 3.39 18.59
C ALA A 1 7.38 3.40 19.47
N PRO A 2 6.36 4.19 19.10
CA PRO A 2 5.13 4.16 19.88
C PRO A 2 4.47 2.78 19.85
N ASP A 3 3.67 2.53 20.88
CA ASP A 3 2.85 1.32 21.01
C ASP A 3 1.81 1.20 19.92
N SER A 4 1.34 2.36 19.48
CA SER A 4 0.24 2.46 18.51
C SER A 4 0.49 3.65 17.61
N VAL A 5 0.25 3.45 16.32
CA VAL A 5 0.38 4.51 15.32
C VAL A 5 -0.82 4.36 14.40
N ASP A 6 -1.44 5.47 14.01
CA ASP A 6 -2.52 5.44 13.02
C ASP A 6 -2.46 6.69 12.18
N TYR A 7 -1.89 6.56 10.98
CA TYR A 7 -1.66 7.73 10.14
C TYR A 7 -2.93 8.37 9.61
N ARG A 8 -4.07 7.69 9.72
CA ARG A 8 -5.34 8.29 9.35
C ARG A 8 -5.65 9.46 10.27
N LYS A 9 -5.23 9.34 11.52
CA LYS A 9 -5.48 10.39 12.54
C LYS A 9 -4.70 11.69 12.29
N LYS A 10 -3.62 11.59 11.51
CA LYS A 10 -2.76 12.72 11.19
C LYS A 10 -3.06 13.31 9.81
N GLY A 11 -3.99 12.71 9.08
CA GLY A 11 -4.34 13.15 7.74
C GLY A 11 -3.32 12.77 6.67
N TYR A 12 -2.66 11.62 6.85
CA TYR A 12 -1.64 11.16 5.87
C TYR A 12 -2.20 10.15 4.86
N VAL A 13 -3.48 9.82 4.96
CA VAL A 13 -4.09 8.75 4.17
C VAL A 13 -5.31 9.26 3.41
N THR A 14 -5.30 9.05 2.10
CA THR A 14 -6.39 9.49 1.25
C THR A 14 -7.56 8.51 1.38
N PRO A 15 -8.75 8.87 0.86
CA PRO A 15 -9.88 7.93 0.87
C PRO A 15 -9.58 6.59 0.19
N VAL A 16 -10.27 5.57 0.67
CA VAL A 16 -10.15 4.25 0.08
C VAL A 16 -10.65 4.26 -1.37
N LYS A 17 -9.86 3.63 -2.24
CA LYS A 17 -10.12 3.56 -3.66
C LYS A 17 -10.62 2.17 -4.02
N ASN A 18 -11.12 2.06 -5.25
CA ASN A 18 -11.61 0.80 -5.78
C ASN A 18 -10.92 0.55 -7.11
N GLN A 19 -10.05 -0.45 -7.15
CA GLN A 19 -9.32 -0.79 -8.35
C GLN A 19 -10.20 -1.33 -9.50
N GLY A 20 -11.45 -1.65 -9.20
CA GLY A 20 -12.40 -2.08 -10.22
C GLY A 20 -11.96 -3.39 -10.85
N GLN A 21 -12.04 -3.45 -12.19
CA GLN A 21 -11.81 -4.69 -12.98
C GLN A 21 -10.36 -4.94 -13.35
N CYS A 22 -9.43 -4.47 -12.55
CA CYS A 22 -8.03 -4.46 -12.93
C CYS A 22 -7.23 -4.96 -11.72
N GLY A 23 -6.25 -5.82 -11.97
CA GLY A 23 -5.37 -6.33 -10.92
C GLY A 23 -4.23 -5.37 -10.64
N SER A 24 -4.58 -4.17 -10.22
CA SER A 24 -3.67 -3.04 -10.06
C SER A 24 -3.42 -2.67 -8.58
N CYS A 25 -3.71 -3.62 -7.68
CA CYS A 25 -3.46 -3.40 -6.25
C CYS A 25 -2.09 -2.77 -5.98
N TRP A 26 -1.07 -3.26 -6.68
CA TRP A 26 0.30 -2.78 -6.53
C TRP A 26 0.41 -1.27 -6.78
N ALA A 27 -0.36 -0.76 -7.74
CA ALA A 27 -0.35 0.66 -8.08
C ALA A 27 -1.02 1.47 -6.97
N PHE A 28 -2.10 0.94 -6.42
CA PHE A 28 -2.77 1.60 -5.28
C PHE A 28 -1.89 1.59 -4.04
N SER A 29 -1.25 0.46 -3.76
CA SER A 29 -0.31 0.38 -2.62
C SER A 29 0.82 1.41 -2.79
N SER A 30 1.35 1.49 -4.00
CA SER A 30 2.47 2.38 -4.29
C SER A 30 2.07 3.84 -4.15
N VAL A 31 0.93 4.22 -4.72
CA VAL A 31 0.49 5.62 -4.60
C VAL A 31 0.15 5.97 -3.15
N GLY A 32 -0.41 5.03 -2.40
CA GLY A 32 -0.71 5.29 -0.98
C GLY A 32 0.56 5.64 -0.19
N ALA A 33 1.64 4.90 -0.41
CA ALA A 33 2.92 5.16 0.27
C ALA A 33 3.47 6.53 -0.18
N LEU A 34 3.39 6.81 -1.49
CA LEU A 34 3.80 8.12 -2.00
C LEU A 34 2.99 9.28 -1.42
N GLU A 35 1.68 9.07 -1.31
CA GLU A 35 0.77 10.09 -0.78
C GLU A 35 1.13 10.43 0.66
N GLY A 36 1.51 9.43 1.43
CA GLY A 36 1.89 9.65 2.83
C GLY A 36 3.14 10.49 2.94
N GLN A 37 4.14 10.17 2.12
CA GLN A 37 5.37 10.96 2.08
C GLN A 37 5.15 12.38 1.58
N LEU A 38 4.30 12.54 0.58
CA LEU A 38 3.98 13.88 0.07
C LEU A 38 3.34 14.73 1.16
N LYS A 39 2.43 14.13 1.94
CA LYS A 39 1.80 14.87 3.04
C LYS A 39 2.83 15.29 4.06
N LYS A 40 3.71 14.35 4.41
CA LYS A 40 4.75 14.60 5.41
C LYS A 40 5.69 15.72 4.98
N LYS A 41 5.99 15.76 3.69
CA LYS A 41 6.97 16.73 3.13
C LYS A 41 6.33 18.11 2.94
N THR A 42 5.05 18.16 2.58
CA THR A 42 4.43 19.39 2.10
C THR A 42 3.21 19.92 2.84
N GLY A 43 2.53 19.08 3.63
CA GLY A 43 1.25 19.42 4.24
C GLY A 43 0.02 19.13 3.40
N LYS A 44 0.25 18.76 2.14
CA LYS A 44 -0.83 18.48 1.19
C LYS A 44 -1.16 17.00 1.18
N LEU A 45 -2.45 16.71 1.29
CA LEU A 45 -2.99 15.36 1.09
C LEU A 45 -3.69 15.38 -0.25
N LEU A 46 -3.23 14.56 -1.18
CA LEU A 46 -3.93 14.47 -2.46
C LEU A 46 -3.78 13.12 -3.12
N ASN A 47 -4.70 12.83 -4.03
CA ASN A 47 -4.69 11.55 -4.72
C ASN A 47 -3.66 11.59 -5.84
N LEU A 48 -2.68 10.69 -5.77
CA LEU A 48 -1.72 10.48 -6.88
C LEU A 48 -2.29 9.43 -7.84
N SER A 49 -1.65 9.28 -8.99
CA SER A 49 -2.24 8.52 -10.10
C SER A 49 -1.82 7.05 -10.19
N PRO A 50 -2.68 6.13 -9.74
CA PRO A 50 -2.36 4.71 -10.00
C PRO A 50 -2.31 4.40 -11.52
N GLN A 51 -3.13 5.10 -12.30
CA GLN A 51 -3.16 4.86 -13.77
C GLN A 51 -1.82 5.16 -14.43
N ASN A 52 -1.17 6.25 -14.01
CA ASN A 52 0.19 6.57 -14.47
C ASN A 52 1.10 5.36 -14.28
N LEU A 53 0.99 4.69 -13.13
CA LEU A 53 1.81 3.52 -12.87
C LEU A 53 1.38 2.31 -13.73
N VAL A 54 0.09 2.06 -13.80
CA VAL A 54 -0.43 0.92 -14.58
C VAL A 54 0.07 1.03 -16.03
N ASP A 55 -0.06 2.23 -16.59
CA ASP A 55 0.27 2.46 -18.01
C ASP A 55 1.77 2.48 -18.30
N CYS A 56 2.58 2.91 -17.33
CA CYS A 56 3.96 3.31 -17.61
C CYS A 56 5.05 2.48 -16.98
N VAL A 57 4.72 1.69 -15.95
CA VAL A 57 5.73 0.88 -15.27
C VAL A 57 5.90 -0.39 -16.09
N SER A 58 6.78 -0.33 -17.08
CA SER A 58 6.93 -1.46 -18.01
C SER A 58 7.47 -2.76 -17.40
N GLU A 59 8.16 -2.67 -16.25
CA GLU A 59 8.62 -3.86 -15.52
C GLU A 59 7.49 -4.63 -14.84
N ASN A 60 6.35 -3.99 -14.63
CA ASN A 60 5.14 -4.63 -14.11
C ASN A 60 4.22 -5.02 -15.27
N ASP A 61 3.10 -5.68 -14.96
CA ASP A 61 2.19 -6.18 -16.00
CA ASP A 61 2.18 -6.19 -15.98
C ASP A 61 0.82 -5.51 -15.94
N GLY A 62 0.81 -4.21 -15.61
CA GLY A 62 -0.42 -3.42 -15.64
C GLY A 62 -1.51 -4.02 -14.77
N CYS A 63 -2.62 -4.43 -15.40
CA CYS A 63 -3.74 -5.06 -14.67
C CYS A 63 -3.52 -6.54 -14.32
N GLY A 64 -2.37 -7.08 -14.70
CA GLY A 64 -2.00 -8.47 -14.40
C GLY A 64 -1.04 -8.63 -13.24
N GLY A 65 -0.85 -7.55 -12.49
CA GLY A 65 -0.01 -7.57 -11.31
C GLY A 65 1.31 -6.84 -11.46
N GLY A 66 2.02 -6.76 -10.35
CA GLY A 66 3.26 -6.03 -10.30
C GLY A 66 3.82 -5.96 -8.90
N TYR A 67 5.02 -5.38 -8.82
CA TYR A 67 5.69 -5.06 -7.57
C TYR A 67 5.73 -3.56 -7.29
N MET A 68 5.64 -3.20 -6.01
CA MET A 68 5.70 -1.81 -5.63
C MET A 68 7.10 -1.22 -5.82
N THR A 69 8.13 -1.99 -5.55
CA THR A 69 9.50 -1.50 -5.74
C THR A 69 9.73 -1.05 -7.20
N ASN A 70 9.20 -1.82 -8.17
CA ASN A 70 9.26 -1.44 -9.60
C ASN A 70 8.60 -0.09 -9.83
N ALA A 71 7.50 0.15 -9.12
CA ALA A 71 6.77 1.43 -9.25
C ALA A 71 7.59 2.58 -8.71
N PHE A 72 8.22 2.38 -7.55
CA PHE A 72 8.99 3.48 -6.96
C PHE A 72 10.19 3.82 -7.85
N GLN A 73 10.80 2.77 -8.39
CA GLN A 73 11.96 2.91 -9.29
C GLN A 73 11.55 3.70 -10.52
N TYR A 74 10.36 3.39 -11.08
CA TYR A 74 9.83 4.15 -12.22
C TYR A 74 9.62 5.64 -11.90
N VAL A 75 8.98 5.92 -10.76
CA VAL A 75 8.72 7.29 -10.39
C VAL A 75 10.03 8.07 -10.26
N GLN A 76 11.06 7.43 -9.70
CA GLN A 76 12.37 8.06 -9.58
C GLN A 76 12.98 8.37 -10.96
N LYS A 77 13.04 7.35 -11.80
CA LYS A 77 13.62 7.47 -13.14
C LYS A 77 12.82 8.44 -14.01
N ASN A 78 11.50 8.44 -13.86
CA ASN A 78 10.59 9.32 -14.60
C ASN A 78 10.60 10.76 -14.15
N ARG A 79 11.27 11.02 -13.02
CA ARG A 79 11.31 12.33 -12.39
CA ARG A 79 11.30 12.34 -12.38
C ARG A 79 9.92 12.81 -11.93
N GLY A 80 9.00 11.87 -11.68
CA GLY A 80 7.73 12.26 -11.09
C GLY A 80 6.60 11.30 -11.33
N ILE A 81 5.51 11.55 -10.61
CA ILE A 81 4.23 10.89 -10.85
C ILE A 81 3.15 11.96 -10.90
N ASP A 82 2.15 11.74 -11.77
CA ASP A 82 1.05 12.66 -11.92
C ASP A 82 0.02 12.53 -10.80
N SER A 83 -0.75 13.60 -10.60
CA SER A 83 -1.95 13.52 -9.75
C SER A 83 -3.04 12.66 -10.41
N GLU A 84 -3.91 12.11 -9.59
CA GLU A 84 -5.13 11.44 -10.11
C GLU A 84 -5.92 12.37 -11.04
N ASP A 85 -6.04 13.63 -10.65
CA ASP A 85 -6.83 14.59 -11.42
CA ASP A 85 -6.79 14.62 -11.42
C ASP A 85 -6.23 14.76 -12.83
N ALA A 86 -4.90 14.82 -12.93
CA ALA A 86 -4.21 14.96 -14.22
C ALA A 86 -4.21 13.70 -15.06
N TYR A 87 -4.22 12.54 -14.40
CA TYR A 87 -4.03 11.23 -15.06
C TYR A 87 -4.99 10.26 -14.37
N PRO A 88 -6.28 10.38 -14.69
CA PRO A 88 -7.30 9.63 -13.94
C PRO A 88 -7.36 8.13 -14.20
N TYR A 89 -7.97 7.44 -13.25
CA TYR A 89 -8.03 5.98 -13.27
C TYR A 89 -9.15 5.51 -14.18
N VAL A 90 -8.81 4.62 -15.09
CA VAL A 90 -9.77 4.04 -16.02
C VAL A 90 -9.91 2.52 -15.87
N GLY A 91 -9.05 1.86 -15.09
CA GLY A 91 -9.26 0.45 -14.76
C GLY A 91 -8.95 -0.54 -15.87
N GLN A 92 -8.15 -0.09 -16.83
CA GLN A 92 -7.58 -0.95 -17.85
C GLN A 92 -6.29 -0.29 -18.26
N GLU A 93 -5.32 -1.10 -18.69
CA GLU A 93 -4.04 -0.57 -19.11
C GLU A 93 -4.18 0.11 -20.47
N GLU A 94 -3.62 1.29 -20.57
CA GLU A 94 -3.58 2.06 -21.80
C GLU A 94 -2.13 2.46 -22.07
N SER A 95 -1.89 3.13 -23.20
CA SER A 95 -0.54 3.58 -23.53
C SER A 95 -0.09 4.65 -22.54
N CYS A 96 1.20 4.72 -22.29
CA CYS A 96 1.76 5.65 -21.31
C CYS A 96 1.66 7.05 -21.87
N MET A 97 0.95 7.91 -21.15
CA MET A 97 0.70 9.27 -21.57
C MET A 97 1.58 10.26 -20.84
N TYR A 98 1.95 11.33 -21.56
CA TYR A 98 2.71 12.42 -20.97
C TYR A 98 1.82 13.66 -20.81
N ASN A 99 1.69 14.14 -19.57
CA ASN A 99 0.96 15.35 -19.26
C ASN A 99 1.94 16.44 -18.80
N PRO A 100 2.24 17.43 -19.67
CA PRO A 100 3.23 18.46 -19.34
C PRO A 100 3.09 19.13 -17.99
N THR A 101 1.87 19.30 -17.49
CA THR A 101 1.72 19.94 -16.18
C THR A 101 1.15 19.01 -15.12
N GLY A 102 1.25 17.70 -15.34
CA GLY A 102 0.58 16.72 -14.48
C GLY A 102 1.30 16.31 -13.20
N LYS A 103 2.60 16.56 -13.12
CA LYS A 103 3.43 16.06 -12.02
C LYS A 103 3.01 16.58 -10.65
N ALA A 104 2.86 15.70 -9.67
CA ALA A 104 2.40 16.10 -8.33
C ALA A 104 3.29 15.61 -7.16
N ALA A 105 4.22 14.72 -7.45
CA ALA A 105 5.14 14.17 -6.47
C ALA A 105 6.34 13.59 -7.16
N LYS A 106 7.44 13.48 -6.42
CA LYS A 106 8.68 12.90 -6.90
C LYS A 106 9.11 11.81 -5.95
N CYS A 107 10.07 11.00 -6.37
CA CYS A 107 10.59 9.87 -5.58
C CYS A 107 12.11 9.84 -5.77
N ARG A 108 12.85 9.66 -4.67
CA ARG A 108 14.32 9.66 -4.70
CA ARG A 108 14.31 9.66 -4.71
C ARG A 108 14.89 8.26 -4.45
N GLY A 109 14.05 7.24 -4.62
CA GLY A 109 14.44 5.87 -4.40
C GLY A 109 13.49 5.19 -3.42
N TYR A 110 13.95 4.09 -2.85
CA TYR A 110 13.13 3.34 -1.91
C TYR A 110 14.00 2.52 -0.98
N ARG A 111 13.40 2.06 0.09
CA ARG A 111 14.03 1.10 0.98
C ARG A 111 13.09 -0.06 1.22
N GLU A 112 13.67 -1.24 1.36
CA GLU A 112 12.96 -2.44 1.74
C GLU A 112 13.15 -2.78 3.20
N ILE A 113 12.15 -3.40 3.79
CA ILE A 113 12.19 -3.83 5.16
C ILE A 113 12.82 -5.21 5.18
N PRO A 114 13.75 -5.47 6.13
CA PRO A 114 14.34 -6.80 6.26
C PRO A 114 13.28 -7.92 6.22
N GLU A 115 13.49 -8.90 5.35
CA GLU A 115 12.47 -9.92 5.08
C GLU A 115 12.02 -10.66 6.34
N GLY A 116 10.71 -10.70 6.54
CA GLY A 116 10.09 -11.46 7.60
C GLY A 116 10.09 -10.79 8.96
N ASN A 117 10.65 -9.59 9.04
CA ASN A 117 10.92 -8.95 10.33
C ASN A 117 9.83 -7.96 10.72
N GLU A 118 8.90 -8.41 11.54
CA GLU A 118 7.76 -7.56 11.91
C GLU A 118 8.17 -6.38 12.80
N LYS A 119 9.19 -6.57 13.64
CA LYS A 119 9.69 -5.46 14.46
CA LYS A 119 9.69 -5.46 14.45
C LYS A 119 10.26 -4.36 13.56
N ALA A 120 11.00 -4.77 12.54
CA ALA A 120 11.55 -3.85 11.55
C ALA A 120 10.44 -3.12 10.79
N LEU A 121 9.39 -3.85 10.41
CA LEU A 121 8.23 -3.21 9.77
C LEU A 121 7.60 -2.16 10.70
N LYS A 122 7.40 -2.52 11.96
CA LYS A 122 6.82 -1.60 12.93
C LYS A 122 7.66 -0.34 13.02
N ARG A 123 8.96 -0.52 13.17
CA ARG A 123 9.87 0.61 13.30
CA ARG A 123 9.86 0.62 13.30
C ARG A 123 9.81 1.53 12.07
N ALA A 124 9.70 0.93 10.88
CA ALA A 124 9.58 1.71 9.66
C ALA A 124 8.26 2.47 9.59
N VAL A 125 7.15 1.81 9.91
CA VAL A 125 5.87 2.51 9.96
C VAL A 125 5.92 3.73 10.90
N ALA A 126 6.46 3.52 12.10
CA ALA A 126 6.61 4.60 13.08
C ALA A 126 7.46 5.77 12.58
N ARG A 127 8.57 5.47 11.91
CA ARG A 127 9.54 6.48 11.50
C ARG A 127 9.21 7.19 10.18
N VAL A 128 8.57 6.47 9.28
CA VAL A 128 8.40 6.92 7.90
C VAL A 128 6.99 7.41 7.61
N GLY A 129 6.00 6.59 7.95
CA GLY A 129 4.63 6.81 7.54
C GLY A 129 4.12 5.51 6.95
N PRO A 130 3.01 5.59 6.20
CA PRO A 130 2.47 4.37 5.56
C PRO A 130 3.52 3.63 4.71
N VAL A 131 3.51 2.30 4.82
CA VAL A 131 4.48 1.43 4.14
C VAL A 131 3.73 0.44 3.26
N SER A 132 4.21 0.25 2.02
CA SER A 132 3.63 -0.73 1.09
C SER A 132 3.99 -2.13 1.53
N VAL A 133 3.01 -3.03 1.57
CA VAL A 133 3.24 -4.42 1.96
C VAL A 133 2.49 -5.37 1.02
N ALA A 134 3.01 -6.59 0.92
CA ALA A 134 2.35 -7.66 0.19
C ALA A 134 1.96 -8.79 1.14
N ILE A 135 0.86 -9.45 0.81
CA ILE A 135 0.30 -10.50 1.64
C ILE A 135 -0.30 -11.63 0.80
N ASP A 136 -0.57 -12.76 1.47
CA ASP A 136 -1.49 -13.77 0.93
C ASP A 136 -2.91 -13.34 1.26
N ALA A 137 -3.65 -12.91 0.24
CA ALA A 137 -5.06 -12.54 0.39
C ALA A 137 -6.00 -13.57 -0.23
N SER A 138 -5.47 -14.77 -0.51
CA SER A 138 -6.25 -15.77 -1.27
C SER A 138 -7.36 -16.48 -0.49
N LEU A 139 -7.31 -16.45 0.84
CA LEU A 139 -8.28 -17.18 1.66
C LEU A 139 -9.64 -16.51 1.67
N THR A 140 -10.69 -17.32 1.65
CA THR A 140 -12.04 -16.81 1.74
CA THR A 140 -12.02 -16.78 1.69
C THR A 140 -12.23 -15.93 2.97
N SER A 141 -11.58 -16.30 4.09
CA SER A 141 -11.71 -15.56 5.34
C SER A 141 -11.17 -14.13 5.21
N PHE A 142 -10.16 -13.94 4.36
CA PHE A 142 -9.63 -12.61 4.09
C PHE A 142 -10.61 -11.87 3.18
N GLN A 143 -11.00 -12.52 2.09
CA GLN A 143 -11.80 -11.90 1.05
C GLN A 143 -13.13 -11.40 1.60
N PHE A 144 -13.66 -12.14 2.57
CA PHE A 144 -14.93 -11.84 3.21
C PHE A 144 -14.80 -11.24 4.62
N TYR A 145 -13.60 -10.74 4.95
CA TYR A 145 -13.37 -10.08 6.22
C TYR A 145 -14.41 -8.98 6.51
N SER A 146 -14.86 -8.89 7.74
CA SER A 146 -15.73 -7.77 8.16
C SER A 146 -15.29 -7.06 9.44
N LYS A 147 -14.79 -7.80 10.43
CA LYS A 147 -14.44 -7.24 11.74
CA LYS A 147 -14.43 -7.22 11.73
C LYS A 147 -13.37 -8.04 12.46
N GLY A 148 -12.71 -7.39 13.43
CA GLY A 148 -11.77 -8.04 14.31
C GLY A 148 -10.37 -8.00 13.78
N VAL A 149 -9.49 -8.67 14.49
CA VAL A 149 -8.09 -8.78 14.08
C VAL A 149 -7.94 -10.09 13.32
N TYR A 150 -7.72 -9.96 12.01
CA TYR A 150 -7.74 -11.11 11.11
C TYR A 150 -6.55 -12.03 11.38
N TYR A 151 -6.85 -13.30 11.62
CA TYR A 151 -5.84 -14.34 11.71
C TYR A 151 -6.47 -15.63 11.17
N ASP A 152 -5.77 -16.27 10.25
CA ASP A 152 -6.16 -17.58 9.74
C ASP A 152 -4.87 -18.41 9.63
N GLU A 153 -4.82 -19.52 10.37
CA GLU A 153 -3.62 -20.35 10.40
C GLU A 153 -3.26 -20.98 9.04
N SER A 154 -4.22 -21.00 8.12
CA SER A 154 -3.99 -21.46 6.75
C SER A 154 -3.35 -20.42 5.80
N CYS A 155 -3.18 -19.18 6.27
CA CYS A 155 -2.55 -18.17 5.45
C CYS A 155 -1.11 -18.58 5.16
N ASN A 156 -0.69 -18.40 3.91
CA ASN A 156 0.63 -18.81 3.45
C ASN A 156 1.57 -17.62 3.23
N SER A 157 2.49 -17.43 4.17
CA SER A 157 3.44 -16.32 4.14
CA SER A 157 3.40 -16.28 4.12
C SER A 157 4.31 -16.29 2.88
N ASP A 158 4.39 -17.43 2.19
CA ASP A 158 5.18 -17.53 0.97
C ASP A 158 4.37 -17.42 -0.33
N ASN A 159 3.09 -17.11 -0.21
CA ASN A 159 2.20 -16.92 -1.36
C ASN A 159 1.76 -15.46 -1.37
N LEU A 160 2.64 -14.59 -1.85
CA LEU A 160 2.35 -13.16 -1.90
C LEU A 160 1.61 -12.84 -3.18
N ASN A 161 0.35 -12.49 -3.04
CA ASN A 161 -0.51 -12.33 -4.20
C ASN A 161 -1.38 -11.07 -4.19
N HIS A 162 -1.23 -10.23 -3.17
CA HIS A 162 -2.00 -8.98 -3.08
C HIS A 162 -1.15 -7.91 -2.39
N ALA A 163 -1.29 -6.68 -2.86
CA ALA A 163 -0.55 -5.52 -2.37
C ALA A 163 -1.52 -4.55 -1.70
N VAL A 164 -1.11 -4.09 -0.52
CA VAL A 164 -1.91 -3.23 0.33
C VAL A 164 -0.98 -2.21 1.01
N LEU A 165 -1.54 -1.42 1.93
CA LEU A 165 -0.79 -0.34 2.58
C LEU A 165 -0.97 -0.41 4.09
N ALA A 166 0.14 -0.54 4.81
CA ALA A 166 0.12 -0.51 6.28
C ALA A 166 0.16 0.95 6.72
N VAL A 167 -0.94 1.41 7.31
CA VAL A 167 -1.09 2.81 7.71
C VAL A 167 -0.92 2.99 9.22
N GLY A 168 -0.64 1.90 9.93
CA GLY A 168 -0.40 1.97 11.35
C GLY A 168 -0.43 0.61 11.96
N TYR A 169 -0.53 0.59 13.28
CA TYR A 169 -0.47 -0.63 14.06
C TYR A 169 -0.95 -0.32 15.46
N GLY A 170 -1.32 -1.36 16.19
CA GLY A 170 -1.84 -1.16 17.53
C GLY A 170 -2.29 -2.47 18.15
N ILE A 171 -3.30 -2.35 19.01
CA ILE A 171 -3.82 -3.49 19.73
C ILE A 171 -5.31 -3.29 19.91
N GLN A 172 -6.07 -4.36 19.74
CA GLN A 172 -7.53 -4.31 19.93
C GLN A 172 -7.90 -5.51 20.79
N LYS A 173 -8.45 -5.19 21.97
CA LYS A 173 -8.86 -6.19 22.95
CA LYS A 173 -8.86 -6.20 22.95
C LYS A 173 -7.78 -7.26 23.13
N GLY A 174 -6.55 -6.78 23.34
CA GLY A 174 -5.41 -7.64 23.60
C GLY A 174 -4.74 -8.28 22.40
N ASN A 175 -5.33 -8.08 21.21
CA ASN A 175 -4.82 -8.66 19.95
C ASN A 175 -4.04 -7.62 19.17
N LYS A 176 -2.73 -7.80 19.08
CA LYS A 176 -1.90 -6.84 18.33
C LYS A 176 -2.20 -6.96 16.84
N HIS A 177 -2.19 -5.81 16.16
CA HIS A 177 -2.56 -5.76 14.77
C HIS A 177 -1.77 -4.73 13.96
N TRP A 178 -1.85 -4.92 12.64
CA TRP A 178 -1.50 -3.93 11.61
C TRP A 178 -2.78 -3.31 11.06
N ILE A 179 -2.78 -2.00 10.82
CA ILE A 179 -3.92 -1.33 10.21
C ILE A 179 -3.66 -1.28 8.72
N ILE A 180 -4.50 -1.98 7.93
CA ILE A 180 -4.27 -2.19 6.50
C ILE A 180 -5.34 -1.56 5.62
N LYS A 181 -4.92 -0.65 4.73
CA LYS A 181 -5.78 -0.03 3.73
C LYS A 181 -5.76 -0.88 2.48
N ASN A 182 -6.94 -1.33 2.08
CA ASN A 182 -7.11 -2.10 0.85
C ASN A 182 -7.58 -1.17 -0.28
N SER A 183 -7.73 -1.69 -1.51
CA SER A 183 -8.15 -0.92 -2.65
C SER A 183 -9.32 -1.61 -3.35
N TRP A 184 -10.24 -2.13 -2.56
CA TRP A 184 -11.41 -2.81 -3.08
C TRP A 184 -12.69 -2.03 -2.72
N GLY A 185 -12.52 -0.72 -2.48
CA GLY A 185 -13.63 0.18 -2.16
C GLY A 185 -13.95 0.23 -0.69
N GLU A 186 -14.71 1.25 -0.29
CA GLU A 186 -15.13 1.40 1.10
C GLU A 186 -16.14 0.33 1.52
N ASN A 187 -16.79 -0.33 0.55
CA ASN A 187 -17.77 -1.38 0.86
C ASN A 187 -17.15 -2.72 1.21
N TRP A 188 -15.84 -2.84 1.01
CA TRP A 188 -15.12 -4.03 1.44
C TRP A 188 -14.59 -3.89 2.87
N GLY A 189 -14.58 -5.00 3.61
CA GLY A 189 -14.03 -5.03 4.97
C GLY A 189 -14.69 -4.04 5.91
N ASN A 190 -13.87 -3.39 6.71
CA ASN A 190 -14.33 -2.37 7.62
C ASN A 190 -14.05 -1.00 7.01
N LYS A 191 -15.02 -0.53 6.25
CA LYS A 191 -14.92 0.74 5.52
C LYS A 191 -13.66 0.78 4.63
N GLY A 192 -13.31 -0.38 4.07
CA GLY A 192 -12.18 -0.51 3.14
C GLY A 192 -10.88 -0.97 3.77
N TYR A 193 -10.88 -1.09 5.11
CA TYR A 193 -9.74 -1.50 5.91
C TYR A 193 -9.87 -2.89 6.53
N ILE A 194 -8.72 -3.45 6.88
CA ILE A 194 -8.65 -4.69 7.66
C ILE A 194 -7.57 -4.53 8.73
N LEU A 195 -7.85 -5.05 9.93
CA LEU A 195 -6.83 -5.19 10.97
C LEU A 195 -6.27 -6.59 10.82
N MET A 196 -4.97 -6.70 10.59
CA MET A 196 -4.30 -8.01 10.42
C MET A 196 -3.40 -8.31 11.61
N ALA A 197 -3.43 -9.57 12.06
CA ALA A 197 -2.62 -9.99 13.22
C ALA A 197 -1.16 -9.60 13.07
N ARG A 198 -0.63 -9.00 14.15
CA ARG A 198 0.74 -8.60 14.27
C ARG A 198 1.44 -9.45 15.34
N ASN A 199 2.71 -9.76 15.08
CA ASN A 199 3.54 -10.60 15.95
C ASN A 199 2.98 -12.02 16.14
N LYS A 200 2.27 -12.52 15.12
CA LYS A 200 1.81 -13.90 15.08
C LYS A 200 2.54 -14.63 13.97
N ASN A 201 3.86 -14.65 14.09
CA ASN A 201 4.75 -15.34 13.17
C ASN A 201 4.54 -14.87 11.72
N ASN A 202 4.50 -13.55 11.55
CA ASN A 202 4.49 -12.96 10.21
C ASN A 202 3.29 -13.46 9.42
N ALA A 203 2.12 -13.38 10.05
CA ALA A 203 0.88 -13.90 9.51
C ALA A 203 0.58 -13.31 8.13
N CYS A 204 0.28 -14.21 7.19
CA CYS A 204 0.02 -13.87 5.77
C CYS A 204 1.18 -13.22 5.02
N GLY A 205 2.39 -13.26 5.61
CA GLY A 205 3.58 -12.77 4.95
C GLY A 205 3.71 -11.25 4.99
N ILE A 206 3.03 -10.61 5.94
CA ILE A 206 2.94 -9.14 5.98
C ILE A 206 4.30 -8.42 5.95
N ALA A 207 5.33 -9.03 6.54
CA ALA A 207 6.66 -8.39 6.53
C ALA A 207 7.63 -9.00 5.50
N ASN A 208 7.12 -9.78 4.54
CA ASN A 208 7.99 -10.44 3.56
C ASN A 208 8.38 -9.61 2.35
N LEU A 209 7.57 -8.60 2.01
CA LEU A 209 7.85 -7.76 0.84
C LEU A 209 7.32 -6.35 1.05
N ALA A 210 7.85 -5.70 2.09
CA ALA A 210 7.47 -4.38 2.50
C ALA A 210 8.52 -3.39 2.03
N SER A 211 8.07 -2.22 1.61
CA SER A 211 8.96 -1.16 1.15
C SER A 211 8.30 0.21 1.26
N PHE A 212 9.11 1.25 1.28
CA PHE A 212 8.60 2.63 1.27
C PHE A 212 9.46 3.48 0.35
N PRO A 213 8.85 4.51 -0.25
CA PRO A 213 9.57 5.42 -1.10
C PRO A 213 10.29 6.49 -0.30
N LYS A 214 11.40 6.95 -0.88
CA LYS A 214 12.18 8.10 -0.40
C LYS A 214 11.69 9.33 -1.15
N MET A 215 11.58 10.45 -0.45
CA MET A 215 11.08 11.67 -1.07
C MET A 215 11.79 12.95 -0.61
#